data_4YTK
#
_entry.id   4YTK
#
_cell.length_a   42.693
_cell.length_b   44.394
_cell.length_c   64.071
_cell.angle_alpha   90.00
_cell.angle_beta   90.00
_cell.angle_gamma   90.00
#
_symmetry.space_group_name_H-M   'P 21 21 21'
#
loop_
_entity.id
_entity.type
_entity.pdbx_description
1 polymer 'Transcription elongation factor SPT5'
2 water water
#
_entity_poly.entity_id   1
_entity_poly.type   'polypeptide(L)'
_entity_poly.pdbx_seq_one_letter_code
;LEEGSYVRIKRGIYKGDLAMVDQISENNLEVMLKIVPRLDYGKFDEIDPTTQQRKSRRPTFAHRAPPQLFNPTMALRLDQ
ANLYKRDDRHFTYKNEDYIDGYLYKSFRIQHVETKNIQPTVEELARFGSK
;
_entity_poly.pdbx_strand_id   A
#
# COMPACT_ATOMS: atom_id res chain seq x y z
N LEU A 1 -1.98 2.39 18.50
CA LEU A 1 -2.40 1.99 17.17
C LEU A 1 -3.90 2.22 17.05
N GLU A 2 -4.28 3.19 16.23
CA GLU A 2 -5.70 3.50 16.08
C GLU A 2 -6.01 3.69 14.61
N GLU A 3 -7.18 3.23 14.23
CA GLU A 3 -7.63 3.37 12.87
C GLU A 3 -7.73 4.86 12.50
N GLY A 4 -7.16 5.20 11.34
CA GLY A 4 -7.09 6.56 10.86
C GLY A 4 -5.77 7.25 11.11
N SER A 5 -4.94 6.66 11.98
CA SER A 5 -3.63 7.21 12.30
C SER A 5 -2.57 6.72 11.33
N TYR A 6 -1.41 7.35 11.35
CA TYR A 6 -0.29 6.97 10.51
C TYR A 6 0.70 6.09 11.24
N VAL A 7 1.29 5.17 10.49
CA VAL A 7 2.37 4.33 10.97
C VAL A 7 3.43 4.28 9.85
N ARG A 8 4.62 3.77 10.17
CA ARG A 8 5.64 3.53 9.16
C ARG A 8 5.86 2.02 9.00
N ILE A 9 5.86 1.56 7.76
CA ILE A 9 6.04 0.13 7.47
C ILE A 9 7.50 -0.27 7.67
N LYS A 10 7.71 -1.45 8.25
CA LYS A 10 9.04 -1.92 8.62
C LYS A 10 9.62 -3.04 7.73
N ARG A 11 8.84 -3.56 6.78
CA ARG A 11 9.26 -4.71 5.96
C ARG A 11 8.80 -4.57 4.52
N GLY A 12 9.53 -5.20 3.59
CA GLY A 12 9.07 -5.32 2.22
C GLY A 12 9.37 -4.12 1.36
N ILE A 13 8.80 -4.09 0.15
CA ILE A 13 9.06 -2.96 -0.74
C ILE A 13 8.54 -1.65 -0.18
N TYR A 14 7.61 -1.73 0.77
CA TYR A 14 7.05 -0.51 1.36
C TYR A 14 7.77 -0.11 2.64
N LYS A 15 8.89 -0.78 2.93
CA LYS A 15 9.67 -0.46 4.12
C LYS A 15 10.04 1.02 4.16
N GLY A 16 9.76 1.66 5.29
CA GLY A 16 10.03 3.06 5.46
C GLY A 16 8.90 3.98 5.03
N ASP A 17 7.89 3.44 4.33
CA ASP A 17 6.81 4.29 3.83
C ASP A 17 5.78 4.55 4.92
N LEU A 18 5.21 5.75 4.85
CA LEU A 18 4.13 6.14 5.73
C LEU A 18 2.83 5.50 5.24
N ALA A 19 2.01 5.02 6.16
CA ALA A 19 0.76 4.39 5.76
C ALA A 19 -0.32 4.73 6.76
N MET A 20 -1.55 4.84 6.28
CA MET A 20 -2.71 5.00 7.23
CA MET A 20 -2.70 4.99 7.25
C MET A 20 -3.25 3.67 7.71
N VAL A 21 -3.48 3.55 9.01
CA VAL A 21 -4.13 2.37 9.55
C VAL A 21 -5.60 2.36 9.17
N ASP A 22 -5.99 1.41 8.32
CA ASP A 22 -7.40 1.32 7.92
C ASP A 22 -8.24 0.47 8.88
N GLN A 23 -7.72 -0.68 9.28
CA GLN A 23 -8.51 -1.61 10.06
C GLN A 23 -7.63 -2.56 10.84
N ILE A 24 -7.84 -2.63 12.15
CA ILE A 24 -7.16 -3.60 12.98
C ILE A 24 -7.92 -4.92 12.87
N SER A 25 -7.19 -6.00 12.62
N SER A 25 -7.24 -6.02 12.64
CA SER A 25 -7.77 -7.31 12.35
CA SER A 25 -7.95 -7.25 12.35
C SER A 25 -8.49 -7.89 13.56
C SER A 25 -8.68 -7.75 13.56
N GLU A 26 -9.40 -8.82 13.28
CA GLU A 26 -10.17 -9.53 14.29
C GLU A 26 -9.26 -10.29 15.25
N ASN A 27 -8.16 -10.81 14.71
CA ASN A 27 -7.24 -11.60 15.54
C ASN A 27 -6.27 -10.74 16.32
N ASN A 28 -6.38 -9.43 16.12
CA ASN A 28 -5.64 -8.41 16.86
CA ASN A 28 -5.71 -8.34 16.87
C ASN A 28 -4.12 -8.43 16.56
N LEU A 29 -3.69 -9.14 15.51
CA LEU A 29 -2.28 -9.24 15.17
C LEU A 29 -1.92 -8.58 13.84
N GLU A 30 -2.93 -8.21 13.06
CA GLU A 30 -2.71 -7.62 11.73
C GLU A 30 -3.39 -6.28 11.63
N VAL A 31 -2.98 -5.55 10.68
CA VAL A 31 -3.55 -4.25 10.39
C VAL A 31 -3.54 -4.04 8.90
N MET A 32 -4.76 -3.69 8.41
CA MET A 32 -4.92 -3.35 7.01
C MET A 32 -4.43 -1.92 6.88
N LEU A 33 -3.50 -1.69 5.96
CA LEU A 33 -2.89 -0.39 5.73
C LEU A 33 -3.23 0.18 4.37
N LYS A 34 -3.39 1.50 4.33
CA LYS A 34 -3.63 2.24 3.10
C LYS A 34 -2.30 2.88 2.71
N ILE A 35 -1.81 2.54 1.52
CA ILE A 35 -0.44 2.79 1.12
C ILE A 35 -0.40 3.35 -0.30
N VAL A 36 0.49 4.31 -0.55
CA VAL A 36 0.76 4.75 -1.91
C VAL A 36 1.55 3.65 -2.64
N PRO A 37 1.00 3.10 -3.72
CA PRO A 37 1.64 1.93 -4.35
C PRO A 37 2.95 2.22 -5.06
N ARG A 38 3.71 1.16 -5.27
CA ARG A 38 4.96 1.19 -6.02
C ARG A 38 4.87 0.09 -7.10
N LEU A 39 4.31 0.45 -8.25
CA LEU A 39 3.94 -0.51 -9.29
C LEU A 39 4.60 -0.27 -10.62
N ASP A 40 4.64 -1.31 -11.45
CA ASP A 40 5.14 -1.23 -12.83
C ASP A 40 4.13 -1.62 -13.92
N TYR A 41 2.92 -2.00 -13.52
CA TYR A 41 1.90 -2.45 -14.46
C TYR A 41 2.35 -3.62 -15.33
N GLY A 42 3.16 -4.49 -14.75
CA GLY A 42 3.59 -5.71 -15.42
C GLY A 42 4.58 -5.50 -16.55
N LYS A 43 5.17 -4.31 -16.60
CA LYS A 43 5.97 -3.86 -17.74
C LYS A 43 7.09 -4.79 -18.16
N PHE A 44 7.78 -5.40 -17.22
CA PHE A 44 8.91 -6.27 -17.57
C PHE A 44 8.73 -7.72 -17.11
N ASP A 45 7.47 -8.15 -16.95
CA ASP A 45 7.20 -9.51 -16.50
C ASP A 45 7.40 -10.53 -17.62
N GLU A 46 7.73 -11.76 -17.23
CA GLU A 46 7.94 -12.84 -18.18
C GLU A 46 6.94 -13.98 -17.95
N ARG A 58 10.27 -12.08 -7.34
CA ARG A 58 10.12 -11.40 -6.06
C ARG A 58 10.74 -10.01 -6.11
N PRO A 59 9.95 -8.96 -5.94
CA PRO A 59 10.56 -7.64 -5.90
C PRO A 59 11.35 -7.50 -4.62
N THR A 60 12.32 -6.60 -4.65
CA THR A 60 13.10 -6.33 -3.47
C THR A 60 13.03 -4.85 -3.12
N PHE A 61 13.25 -4.57 -1.87
CA PHE A 61 13.30 -3.20 -1.41
C PHE A 61 14.36 -2.39 -2.19
N ALA A 62 15.54 -2.98 -2.40
CA ALA A 62 16.62 -2.28 -3.07
C ALA A 62 16.28 -1.86 -4.51
N HIS A 63 15.38 -2.60 -5.14
CA HIS A 63 15.04 -2.38 -6.55
C HIS A 63 13.60 -1.95 -6.74
N ARG A 64 13.00 -1.37 -5.70
CA ARG A 64 11.58 -1.00 -5.76
C ARG A 64 11.30 0.17 -6.71
N ALA A 65 10.06 0.20 -7.18
CA ALA A 65 9.56 1.27 -8.03
C ALA A 65 9.28 2.53 -7.23
N PRO A 66 9.22 3.68 -7.91
CA PRO A 66 8.77 4.91 -7.26
C PRO A 66 7.32 4.80 -6.81
N PRO A 67 6.95 5.58 -5.80
CA PRO A 67 5.57 5.60 -5.31
C PRO A 67 4.68 6.46 -6.22
N GLN A 68 3.51 5.94 -6.55
CA GLN A 68 2.56 6.71 -7.35
C GLN A 68 1.20 6.04 -7.17
N LEU A 69 0.14 6.84 -7.07
CA LEU A 69 -1.19 6.28 -6.90
C LEU A 69 -1.52 5.34 -8.04
N PHE A 70 -2.25 4.28 -7.72
CA PHE A 70 -2.67 3.31 -8.72
C PHE A 70 -3.56 4.01 -9.74
N ASN A 71 -3.35 3.69 -11.01
CA ASN A 71 -4.07 4.28 -12.13
C ASN A 71 -4.79 3.16 -12.88
N PRO A 72 -6.09 2.96 -12.62
CA PRO A 72 -6.77 1.83 -13.24
C PRO A 72 -6.84 1.88 -14.76
N THR A 73 -6.88 3.08 -15.36
CA THR A 73 -6.86 3.13 -16.82
C THR A 73 -5.51 2.77 -17.41
N MET A 74 -4.44 3.06 -16.68
CA MET A 74 -3.13 2.64 -17.08
C MET A 74 -3.03 1.10 -17.02
N ALA A 75 -3.56 0.51 -15.95
CA ALA A 75 -3.63 -0.94 -15.84
C ALA A 75 -4.47 -1.56 -16.97
N LEU A 76 -5.59 -0.91 -17.27
CA LEU A 76 -6.47 -1.37 -18.35
C LEU A 76 -5.71 -1.39 -19.67
N ARG A 77 -5.00 -0.31 -19.94
CA ARG A 77 -4.25 -0.17 -21.18
C ARG A 77 -3.12 -1.19 -21.29
N LEU A 78 -2.37 -1.37 -20.21
CA LEU A 78 -1.10 -2.08 -20.27
C LEU A 78 -1.12 -3.53 -19.81
N ASP A 79 -2.08 -3.90 -18.96
CA ASP A 79 -2.08 -5.23 -18.37
C ASP A 79 -3.49 -5.64 -17.95
N GLN A 80 -4.44 -5.55 -18.87
CA GLN A 80 -5.84 -5.79 -18.59
C GLN A 80 -6.11 -7.20 -18.05
N ALA A 81 -5.30 -8.19 -18.43
CA ALA A 81 -5.52 -9.57 -18.00
C ALA A 81 -5.45 -9.71 -16.49
N ASN A 82 -4.73 -8.80 -15.83
CA ASN A 82 -4.54 -8.87 -14.39
C ASN A 82 -5.42 -7.91 -13.60
N LEU A 83 -6.36 -7.27 -14.28
CA LEU A 83 -7.18 -6.21 -13.69
C LEU A 83 -8.63 -6.66 -13.53
N TYR A 84 -9.14 -6.56 -12.30
CA TYR A 84 -10.51 -6.96 -11.97
C TYR A 84 -11.22 -5.85 -11.22
N LYS A 85 -12.35 -5.38 -11.74
CA LYS A 85 -13.13 -4.41 -10.99
C LYS A 85 -13.94 -5.12 -9.91
N ARG A 86 -13.92 -4.55 -8.70
CA ARG A 86 -14.56 -5.16 -7.55
C ARG A 86 -15.70 -4.32 -6.96
N ASP A 87 -15.66 -3.01 -7.19
CA ASP A 87 -16.65 -2.11 -6.61
C ASP A 87 -16.38 -0.75 -7.21
N ASP A 88 -17.12 0.25 -6.75
CA ASP A 88 -16.80 1.61 -7.10
C ASP A 88 -15.41 1.93 -6.55
N ARG A 89 -14.55 2.30 -7.48
CA ARG A 89 -13.17 2.72 -7.26
C ARG A 89 -12.25 1.65 -6.71
N HIS A 90 -12.70 0.40 -6.76
CA HIS A 90 -11.95 -0.71 -6.18
C HIS A 90 -11.61 -1.71 -7.26
N PHE A 91 -10.31 -1.93 -7.44
CA PHE A 91 -9.79 -2.90 -8.39
C PHE A 91 -8.84 -3.85 -7.72
N THR A 92 -8.86 -5.10 -8.15
CA THR A 92 -7.83 -6.04 -7.76
C THR A 92 -6.88 -6.16 -8.95
N TYR A 93 -5.63 -5.80 -8.74
CA TYR A 93 -4.65 -5.79 -9.81
C TYR A 93 -3.46 -6.62 -9.35
N LYS A 94 -3.12 -7.66 -10.10
CA LYS A 94 -2.10 -8.62 -9.69
C LYS A 94 -2.31 -9.09 -8.25
N ASN A 95 -3.57 -9.40 -7.92
CA ASN A 95 -3.92 -10.02 -6.64
C ASN A 95 -3.70 -9.12 -5.43
N GLU A 96 -3.64 -7.81 -5.67
CA GLU A 96 -3.64 -6.82 -4.59
C GLU A 96 -4.81 -5.88 -4.83
N ASP A 97 -5.33 -5.32 -3.74
CA ASP A 97 -6.48 -4.42 -3.81
C ASP A 97 -6.13 -2.94 -3.76
N TYR A 98 -6.69 -2.18 -4.70
CA TYR A 98 -6.45 -0.73 -4.82
C TYR A 98 -7.78 -0.04 -4.82
N ILE A 99 -7.98 0.86 -3.87
CA ILE A 99 -9.23 1.59 -3.74
C ILE A 99 -8.92 3.08 -3.82
N ASP A 100 -9.50 3.75 -4.82
CA ASP A 100 -9.26 5.17 -5.07
C ASP A 100 -7.76 5.49 -5.16
N GLY A 101 -7.00 4.56 -5.75
CA GLY A 101 -5.59 4.75 -6.01
C GLY A 101 -4.63 4.23 -4.96
N TYR A 102 -5.15 3.85 -3.79
CA TYR A 102 -4.30 3.37 -2.71
C TYR A 102 -4.34 1.84 -2.59
N LEU A 103 -3.18 1.25 -2.30
CA LEU A 103 -3.10 -0.15 -1.92
C LEU A 103 -3.70 -0.31 -0.51
N TYR A 104 -4.51 -1.36 -0.34
CA TYR A 104 -4.96 -1.77 0.98
C TYR A 104 -4.39 -3.16 1.18
N LYS A 105 -3.46 -3.28 2.12
CA LYS A 105 -2.73 -4.54 2.32
C LYS A 105 -2.52 -4.80 3.81
N SER A 106 -2.66 -6.06 4.20
CA SER A 106 -2.51 -6.43 5.60
C SER A 106 -1.05 -6.65 5.97
N PHE A 107 -0.65 -6.08 7.10
CA PHE A 107 0.68 -6.23 7.67
C PHE A 107 0.55 -6.68 9.11
N ARG A 108 1.48 -7.50 9.54
CA ARG A 108 1.57 -7.79 10.96
C ARG A 108 1.80 -6.48 11.73
N ILE A 109 1.12 -6.35 12.86
CA ILE A 109 1.32 -5.20 13.72
C ILE A 109 2.80 -5.09 14.12
N GLN A 110 3.47 -6.22 14.30
CA GLN A 110 4.89 -6.18 14.65
C GLN A 110 5.77 -5.66 13.52
N HIS A 111 5.20 -5.55 12.32
CA HIS A 111 5.91 -5.04 11.14
C HIS A 111 5.58 -3.59 10.81
N VAL A 112 4.97 -2.88 11.76
CA VAL A 112 4.79 -1.46 11.61
C VAL A 112 5.31 -0.73 12.85
N GLU A 113 5.74 0.50 12.64
CA GLU A 113 6.20 1.35 13.71
C GLU A 113 5.11 2.36 14.02
N THR A 114 4.71 2.44 15.28
CA THR A 114 3.64 3.36 15.69
C THR A 114 4.11 4.56 16.51
N LYS A 115 5.35 4.50 16.97
CA LYS A 115 5.91 5.48 17.91
C LYS A 115 7.01 6.34 17.31
N ASN A 116 6.98 7.63 17.65
CA ASN A 116 8.08 8.53 17.32
C ASN A 116 8.35 8.63 15.83
N ILE A 117 7.27 8.57 15.06
CA ILE A 117 7.35 8.77 13.62
CA ILE A 117 7.34 8.78 13.62
C ILE A 117 7.59 10.15 13.31
N GLN A 118 8.52 10.43 12.40
CA GLN A 118 8.80 11.79 11.95
C GLN A 118 8.40 11.94 10.49
N PRO A 119 7.33 12.67 10.18
CA PRO A 119 6.98 12.85 8.78
C PRO A 119 8.14 13.56 8.07
N THR A 120 8.38 13.18 6.82
CA THR A 120 9.43 13.78 6.03
C THR A 120 8.92 15.00 5.29
N VAL A 121 9.84 15.73 4.68
CA VAL A 121 9.48 16.84 3.81
C VAL A 121 8.49 16.38 2.72
N GLU A 122 8.83 15.26 2.10
CA GLU A 122 8.03 14.74 1.02
C GLU A 122 6.62 14.37 1.51
N GLU A 123 6.51 13.83 2.71
CA GLU A 123 5.22 13.43 3.27
C GLU A 123 4.34 14.61 3.66
N LEU A 124 4.97 15.68 4.11
CA LEU A 124 4.25 16.91 4.38
C LEU A 124 3.71 17.47 3.06
N ALA A 125 4.50 17.41 1.99
CA ALA A 125 4.01 17.84 0.68
C ALA A 125 2.82 17.00 0.23
N ARG A 126 2.84 15.69 0.47
CA ARG A 126 1.79 14.82 -0.05
C ARG A 126 0.54 14.77 0.81
N PHE A 127 0.69 14.39 2.10
CA PHE A 127 -0.45 14.24 2.99
C PHE A 127 -0.77 15.54 3.72
#